data_2OOC
#
_entry.id   2OOC
#
_cell.length_a   62.373
_cell.length_b   62.373
_cell.length_c   115.574
_cell.angle_alpha   90.000
_cell.angle_beta   90.000
_cell.angle_gamma   120.000
#
_symmetry.space_group_name_H-M   'P 32 2 1'
#
loop_
_entity.id
_entity.type
_entity.pdbx_description
1 polymer 'Histidine phosphotransferase'
2 non-polymer 'TETRAETHYLENE GLYCOL'
3 non-polymer GLYCEROL
4 water water
#
_entity_poly.entity_id   1
_entity_poly.type   'polypeptide(L)'
_entity_poly.pdbx_seq_one_letter_code
;G(MSE)ARRDISGAVDFAYLEGFAAGDFAVVDEVLALFREQAALWAP(MSE)LDPTHPGWKDAVHTVKGAARGVGAFNLG
EVCERCEAGQESLEGVRTALDAALLDIAAYAHEQALRSLKG
;
_entity_poly.pdbx_strand_id   A,B
#
loop_
_chem_comp.id
_chem_comp.type
_chem_comp.name
_chem_comp.formula
GOL non-polymer GLYCEROL 'C3 H8 O3'
PG4 non-polymer 'TETRAETHYLENE GLYCOL' 'C8 H18 O5'
#
# COMPACT_ATOMS: atom_id res chain seq x y z
N GLY A 9 5.30 -0.84 -11.68
CA GLY A 9 5.63 0.35 -10.85
C GLY A 9 4.83 1.58 -11.24
N ALA A 10 3.87 1.98 -10.42
CA ALA A 10 3.13 3.25 -10.63
C ALA A 10 3.99 4.47 -10.32
N VAL A 11 4.91 4.33 -9.37
CA VAL A 11 5.69 5.48 -8.88
C VAL A 11 7.17 5.30 -9.17
N ASP A 12 7.78 6.34 -9.72
CA ASP A 12 9.20 6.34 -9.99
C ASP A 12 9.91 6.76 -8.76
N PHE A 13 10.32 5.82 -7.90
CA PHE A 13 10.87 6.22 -6.62
C PHE A 13 12.25 6.84 -6.76
N ALA A 14 12.92 6.58 -7.90
CA ALA A 14 14.19 7.26 -8.16
C ALA A 14 13.99 8.79 -8.24
N TYR A 15 12.90 9.19 -8.88
CA TYR A 15 12.54 10.61 -8.99
C TYR A 15 12.35 11.24 -7.62
N LEU A 16 11.57 10.53 -6.81
CA LEU A 16 11.32 11.06 -5.47
C LEU A 16 12.59 11.10 -4.60
N GLU A 17 13.41 10.05 -4.69
CA GLU A 17 14.64 10.04 -3.96
C GLU A 17 15.55 11.14 -4.44
N GLY A 18 15.56 11.43 -5.76
CA GLY A 18 16.33 12.60 -6.21
C GLY A 18 15.84 13.95 -5.67
N PHE A 19 14.54 14.14 -5.70
CA PHE A 19 13.91 15.32 -5.10
C PHE A 19 14.37 15.52 -3.65
N ALA A 20 14.55 14.40 -2.98
CA ALA A 20 15.03 14.33 -1.59
C ALA A 20 16.53 14.40 -1.44
N ALA A 21 17.26 14.49 -2.56
CA ALA A 21 18.72 14.38 -2.58
C ALA A 21 19.18 13.10 -1.78
N GLY A 22 18.40 12.05 -1.85
CA GLY A 22 18.80 10.80 -1.27
C GLY A 22 18.46 10.67 0.21
N ASP A 23 17.85 11.72 0.78
CA ASP A 23 17.58 11.73 2.22
C ASP A 23 16.25 11.17 2.54
N PHE A 24 16.26 10.07 3.26
CA PHE A 24 15.00 9.42 3.52
C PHE A 24 14.01 10.11 4.41
N ALA A 25 14.43 11.08 5.22
CA ALA A 25 13.49 11.83 6.02
C ALA A 25 12.62 12.66 5.08
N VAL A 26 13.23 13.19 4.03
CA VAL A 26 12.44 14.01 3.07
C VAL A 26 11.53 13.13 2.23
N VAL A 27 12.02 12.00 1.79
CA VAL A 27 11.16 11.05 1.10
C VAL A 27 9.94 10.70 1.95
N ASP A 28 10.16 10.36 3.21
CA ASP A 28 9.09 9.97 4.11
C ASP A 28 8.05 11.08 4.24
N GLU A 29 8.55 12.32 4.35
CA GLU A 29 7.69 13.52 4.45
CA GLU A 29 7.58 13.43 4.50
C GLU A 29 6.78 13.68 3.24
N VAL A 30 7.41 13.57 2.08
CA VAL A 30 6.69 13.81 0.85
C VAL A 30 5.63 12.72 0.63
N LEU A 31 6.00 11.49 0.91
CA LEU A 31 5.04 10.37 0.79
C LEU A 31 3.85 10.61 1.72
N ALA A 32 4.12 11.07 2.95
CA ALA A 32 3.05 11.37 3.87
C ALA A 32 2.14 12.53 3.41
N LEU A 33 2.74 13.56 2.81
CA LEU A 33 1.98 14.64 2.25
C LEU A 33 1.09 14.18 1.10
N PHE A 34 1.62 13.32 0.25
CA PHE A 34 0.86 12.84 -0.88
C PHE A 34 -0.34 12.03 -0.39
N ARG A 35 -0.11 11.19 0.62
CA ARG A 35 -1.20 10.37 1.13
CA ARG A 35 -1.19 10.38 1.15
C ARG A 35 -2.29 11.26 1.74
N GLU A 36 -1.88 12.35 2.36
CA GLU A 36 -2.82 13.31 2.94
C GLU A 36 -3.64 14.02 1.88
N GLN A 37 -2.98 14.48 0.83
CA GLN A 37 -3.67 15.09 -0.31
C GLN A 37 -4.63 14.08 -0.93
N ALA A 38 -4.19 12.83 -1.13
CA ALA A 38 -5.06 11.79 -1.68
C ALA A 38 -6.27 11.57 -0.83
N ALA A 39 -6.08 11.49 0.47
CA ALA A 39 -7.26 11.35 1.35
C ALA A 39 -8.28 12.49 1.26
N LEU A 40 -7.81 13.69 1.08
CA LEU A 40 -8.65 14.90 0.94
C LEU A 40 -9.41 14.87 -0.39
N TRP A 41 -8.69 14.63 -1.48
CA TRP A 41 -9.27 14.82 -2.81
C TRP A 41 -9.91 13.59 -3.44
N ALA A 42 -9.49 12.38 -3.08
CA ALA A 42 -9.99 11.17 -3.74
C ALA A 42 -11.50 10.97 -3.63
N PRO A 43 -12.11 11.29 -2.48
CA PRO A 43 -13.56 11.19 -2.39
C PRO A 43 -14.32 12.04 -3.42
N MSE A 44 -13.65 13.03 -4.00
CA MSE A 44 -14.29 13.91 -4.98
CA MSE A 44 -14.23 13.97 -4.98
CA MSE A 44 -14.30 13.93 -4.95
C MSE A 44 -14.20 13.43 -6.39
O MSE A 44 -14.76 14.06 -7.30
CB MSE A 44 -13.65 15.28 -4.94
CB MSE A 44 -13.51 15.32 -4.98
CB MSE A 44 -13.72 15.33 -4.78
CG MSE A 44 -13.61 15.80 -3.54
CG MSE A 44 -14.00 16.33 -3.97
CG MSE A 44 -13.47 15.66 -3.31
SE MSE A 44 -12.89 17.52 -3.63
SE MSE A 44 -13.17 16.09 -2.23
SE MSE A 44 -13.74 17.49 -2.80
CE MSE A 44 -12.55 17.83 -1.79
CE MSE A 44 -12.22 17.85 -2.10
CE MSE A 44 -13.64 17.27 -0.95
N LEU A 45 -13.51 12.29 -6.62
CA LEU A 45 -13.33 11.73 -7.94
C LEU A 45 -14.55 10.94 -8.36
N ASP A 46 -15.63 11.66 -8.57
CA ASP A 46 -16.96 11.09 -8.82
C ASP A 46 -17.67 12.13 -9.65
N PRO A 47 -18.25 11.76 -10.81
CA PRO A 47 -18.88 12.80 -11.65
C PRO A 47 -20.05 13.56 -11.01
N THR A 48 -20.65 13.03 -9.94
CA THR A 48 -21.72 13.67 -9.26
C THR A 48 -21.22 14.53 -8.10
N HIS A 49 -19.88 14.62 -7.89
CA HIS A 49 -19.36 15.51 -6.88
C HIS A 49 -18.78 16.72 -7.61
N PRO A 50 -19.36 17.92 -7.42
CA PRO A 50 -18.81 19.13 -8.06
C PRO A 50 -17.33 19.43 -7.90
N GLY A 51 -16.69 18.86 -6.86
CA GLY A 51 -15.23 18.90 -6.73
C GLY A 51 -14.38 18.18 -7.70
N TRP A 52 -15.00 17.35 -8.54
CA TRP A 52 -14.24 16.42 -9.33
C TRP A 52 -13.17 17.05 -10.19
N LYS A 53 -13.48 18.18 -10.81
CA LYS A 53 -12.56 18.79 -11.75
C LYS A 53 -11.37 19.33 -11.00
N ASP A 54 -11.64 20.00 -9.88
CA ASP A 54 -10.56 20.52 -9.05
C ASP A 54 -9.72 19.38 -8.49
N ALA A 55 -10.36 18.32 -8.11
CA ALA A 55 -9.69 17.11 -7.62
C ALA A 55 -8.75 16.55 -8.69
N VAL A 56 -9.20 16.42 -9.92
CA VAL A 56 -8.33 15.88 -10.98
C VAL A 56 -7.12 16.79 -11.14
N HIS A 57 -7.33 18.10 -11.18
CA HIS A 57 -6.24 19.04 -11.29
C HIS A 57 -5.23 18.91 -10.16
N THR A 58 -5.72 18.81 -8.93
CA THR A 58 -4.89 18.79 -7.76
C THR A 58 -4.11 17.46 -7.70
N VAL A 59 -4.78 16.34 -7.95
CA VAL A 59 -4.12 15.02 -8.01
C VAL A 59 -3.06 15.03 -9.07
N LYS A 60 -3.33 15.66 -10.21
CA LYS A 60 -2.37 15.68 -11.30
C LYS A 60 -1.09 16.31 -10.84
N GLY A 61 -1.18 17.43 -10.17
CA GLY A 61 0.04 18.10 -9.75
C GLY A 61 0.78 17.36 -8.63
N ALA A 62 0.01 16.77 -7.71
CA ALA A 62 0.61 16.00 -6.60
C ALA A 62 1.33 14.80 -7.16
N ALA A 63 0.69 14.19 -8.11
CA ALA A 63 1.27 13.02 -8.76
C ALA A 63 2.62 13.32 -9.43
N ARG A 64 2.61 14.38 -10.21
CA ARG A 64 3.84 14.75 -10.93
C ARG A 64 4.91 15.21 -9.95
N GLY A 65 4.48 15.68 -8.79
CA GLY A 65 5.38 16.15 -7.76
C GLY A 65 6.18 15.05 -7.14
N VAL A 66 5.57 13.88 -6.98
CA VAL A 66 6.17 12.71 -6.34
C VAL A 66 6.67 11.60 -7.25
N GLY A 67 6.54 11.72 -8.56
CA GLY A 67 7.00 10.68 -9.43
C GLY A 67 5.93 9.70 -9.87
N ALA A 68 4.65 9.94 -9.60
CA ALA A 68 3.52 9.08 -10.05
C ALA A 68 3.14 9.58 -11.42
N PHE A 69 4.02 9.35 -12.37
CA PHE A 69 3.88 9.97 -13.70
C PHE A 69 2.71 9.41 -14.47
N ASN A 70 2.47 8.10 -14.36
CA ASN A 70 1.31 7.53 -15.04
C ASN A 70 0.00 8.15 -14.54
N LEU A 71 -0.13 8.32 -13.21
CA LEU A 71 -1.30 8.97 -12.65
C LEU A 71 -1.47 10.37 -13.20
N GLY A 72 -0.37 11.14 -13.25
CA GLY A 72 -0.41 12.43 -13.85
C GLY A 72 -0.93 12.44 -15.26
N GLU A 73 -0.48 11.50 -16.06
CA GLU A 73 -0.95 11.35 -17.45
C GLU A 73 -2.41 11.03 -17.51
N VAL A 74 -2.87 10.08 -16.70
CA VAL A 74 -4.27 9.71 -16.66
C VAL A 74 -5.12 10.92 -16.30
N CYS A 75 -4.68 11.71 -15.35
CA CYS A 75 -5.40 12.92 -15.00
C CYS A 75 -5.47 13.91 -16.17
N GLU A 76 -4.37 14.10 -16.86
CA GLU A 76 -4.32 15.01 -18.06
C GLU A 76 -5.28 14.50 -19.09
N ARG A 77 -5.34 13.19 -19.30
CA ARG A 77 -6.25 12.60 -20.30
CA ARG A 77 -6.24 12.63 -20.30
C ARG A 77 -7.70 12.79 -19.87
N CYS A 78 -7.97 12.66 -18.56
CA CYS A 78 -9.31 12.83 -18.04
C CYS A 78 -9.74 14.28 -18.33
N GLU A 79 -8.83 15.23 -18.11
CA GLU A 79 -9.11 16.64 -18.38
C GLU A 79 -9.40 16.86 -19.87
N ALA A 80 -8.82 16.04 -20.72
CA ALA A 80 -9.03 16.11 -22.19
C ALA A 80 -10.27 15.31 -22.64
N GLY A 81 -11.02 14.76 -21.67
CA GLY A 81 -12.14 13.90 -21.94
C GLY A 81 -11.80 12.54 -22.50
N GLN A 82 -10.52 12.12 -22.39
CA GLN A 82 -9.99 10.86 -22.94
CA GLN A 82 -10.11 10.83 -22.93
C GLN A 82 -9.92 9.71 -21.91
N GLU A 83 -10.24 10.02 -20.66
CA GLU A 83 -10.21 9.02 -19.59
C GLU A 83 -11.38 9.37 -18.66
N SER A 84 -11.90 8.35 -18.02
CA SER A 84 -12.96 8.51 -17.03
C SER A 84 -12.41 8.78 -15.63
N LEU A 85 -13.29 9.23 -14.76
CA LEU A 85 -12.95 9.34 -13.34
C LEU A 85 -12.63 7.99 -12.73
N GLU A 86 -13.27 6.93 -13.21
CA GLU A 86 -12.88 5.62 -12.77
C GLU A 86 -11.41 5.29 -13.10
N GLY A 87 -10.96 5.74 -14.28
CA GLY A 87 -9.59 5.54 -14.67
C GLY A 87 -8.60 6.31 -13.79
N VAL A 88 -8.98 7.52 -13.39
CA VAL A 88 -8.21 8.28 -12.40
C VAL A 88 -8.15 7.56 -11.05
N ARG A 89 -9.30 7.07 -10.58
CA ARG A 89 -9.35 6.35 -9.33
C ARG A 89 -8.46 5.12 -9.31
N THR A 90 -8.48 4.35 -10.41
CA THR A 90 -7.67 3.12 -10.41
C THR A 90 -6.18 3.41 -10.58
N ALA A 91 -5.83 4.49 -11.30
CA ALA A 91 -4.43 4.98 -11.35
C ALA A 91 -3.95 5.45 -9.98
N LEU A 92 -4.86 6.10 -9.23
CA LEU A 92 -4.57 6.60 -7.89
C LEU A 92 -4.37 5.40 -6.93
N ASP A 93 -5.26 4.39 -7.09
CA ASP A 93 -5.06 3.15 -6.30
C ASP A 93 -3.65 2.56 -6.52
N ALA A 94 -3.19 2.48 -7.77
CA ALA A 94 -1.87 1.90 -8.06
C ALA A 94 -0.76 2.75 -7.45
N ALA A 95 -0.89 4.09 -7.45
CA ALA A 95 0.13 4.90 -6.89
C ALA A 95 0.15 4.74 -5.36
N LEU A 96 -1.05 4.69 -4.73
CA LEU A 96 -1.12 4.52 -3.30
C LEU A 96 -0.56 3.14 -2.84
N LEU A 97 -0.81 2.12 -3.67
CA LEU A 97 -0.34 0.76 -3.43
C LEU A 97 1.17 0.76 -3.32
N ASP A 98 1.77 1.45 -4.29
CA ASP A 98 3.23 1.57 -4.39
CA ASP A 98 3.22 1.50 -4.31
C ASP A 98 3.81 2.35 -3.21
N ILE A 99 3.20 3.47 -2.92
CA ILE A 99 3.68 4.36 -1.85
C ILE A 99 3.58 3.68 -0.51
N ALA A 100 2.46 3.01 -0.24
CA ALA A 100 2.30 2.31 1.02
C ALA A 100 3.33 1.19 1.20
N ALA A 101 3.58 0.48 0.11
CA ALA A 101 4.54 -0.60 0.11
C ALA A 101 5.99 -0.15 0.30
N TYR A 102 6.32 1.02 -0.26
CA TYR A 102 7.64 1.61 -0.11
C TYR A 102 7.85 1.99 1.34
N ALA A 103 6.85 2.58 1.96
CA ALA A 103 6.91 2.92 3.39
C ALA A 103 7.10 1.67 4.24
N HIS A 104 6.37 0.59 3.91
CA HIS A 104 6.53 -0.66 4.59
C HIS A 104 7.91 -1.28 4.50
N GLU A 105 8.46 -1.25 3.29
CA GLU A 105 9.79 -1.73 3.01
CA GLU A 105 9.79 -1.76 3.02
C GLU A 105 10.84 -0.98 3.84
N GLN A 106 10.66 0.33 3.99
CA GLN A 106 11.59 1.12 4.81
C GLN A 106 11.57 0.58 6.23
N ALA A 107 10.37 0.29 6.74
CA ALA A 107 10.21 -0.20 8.11
C ALA A 107 10.83 -1.58 8.25
N LEU A 108 10.65 -2.43 7.23
CA LEU A 108 11.18 -3.76 7.26
C LEU A 108 12.73 -3.74 7.26
N ARG A 109 13.26 -2.82 6.48
CA ARG A 109 14.73 -2.63 6.36
C ARG A 109 15.26 -2.24 7.75
N SER A 110 14.61 -1.28 8.39
CA SER A 110 15.02 -0.87 9.72
C SER A 110 14.97 -2.02 10.75
N LEU A 111 14.06 -2.96 10.57
CA LEU A 111 13.97 -4.14 11.43
C LEU A 111 15.06 -5.19 11.17
N LYS A 112 15.35 -5.52 9.92
CA LYS A 112 16.18 -6.71 9.63
C LYS A 112 17.67 -6.40 9.32
N GLY B 9 -0.05 -22.17 11.44
CA GLY B 9 -0.41 -20.71 11.56
C GLY B 9 -0.03 -19.91 10.34
N ALA B 10 -0.84 -18.92 10.00
CA ALA B 10 -0.58 -18.06 8.83
C ALA B 10 0.72 -17.24 8.90
N VAL B 11 1.04 -16.66 10.06
CA VAL B 11 2.16 -15.71 10.20
C VAL B 11 3.17 -16.29 11.18
N ASP B 12 4.42 -16.40 10.74
CA ASP B 12 5.52 -16.91 11.60
C ASP B 12 6.04 -15.75 12.45
N PHE B 13 5.39 -15.52 13.59
CA PHE B 13 5.77 -14.39 14.46
C PHE B 13 7.19 -14.56 15.05
N ALA B 14 7.63 -15.79 15.21
CA ALA B 14 8.97 -16.09 15.73
C ALA B 14 10.03 -15.57 14.80
N TYR B 15 9.81 -15.77 13.50
CA TYR B 15 10.68 -15.20 12.47
C TYR B 15 10.82 -13.69 12.70
N LEU B 16 9.70 -13.01 12.79
CA LEU B 16 9.73 -11.55 12.87
C LEU B 16 10.33 -11.08 14.22
N GLU B 17 9.94 -11.75 15.29
CA GLU B 17 10.40 -11.40 16.63
C GLU B 17 11.91 -11.60 16.82
N GLY B 18 12.43 -12.57 16.07
CA GLY B 18 13.85 -12.85 16.04
C GLY B 18 14.73 -11.66 15.72
N PHE B 19 14.21 -10.69 14.99
CA PHE B 19 14.96 -9.48 14.65
C PHE B 19 14.86 -8.39 15.70
N ALA B 20 13.98 -8.55 16.69
CA ALA B 20 13.71 -7.44 17.60
C ALA B 20 14.93 -7.20 18.47
N ALA B 21 15.23 -5.93 18.66
CA ALA B 21 16.44 -5.47 19.33
C ALA B 21 15.97 -4.53 20.40
N GLY B 22 16.03 -4.97 21.65
CA GLY B 22 15.63 -4.09 22.77
C GLY B 22 14.15 -4.12 23.10
N ASP B 23 13.29 -3.88 22.10
CA ASP B 23 11.88 -4.03 22.32
C ASP B 23 11.17 -4.46 21.02
N PHE B 24 9.84 -4.47 21.07
CA PHE B 24 9.03 -4.91 19.91
C PHE B 24 8.39 -3.79 19.12
N ALA B 25 8.81 -2.54 19.34
CA ALA B 25 8.23 -1.40 18.64
C ALA B 25 8.20 -1.57 17.10
N VAL B 26 9.30 -2.06 16.54
CA VAL B 26 9.43 -2.15 15.09
C VAL B 26 8.69 -3.37 14.58
N VAL B 27 8.75 -4.49 15.29
CA VAL B 27 7.92 -5.64 14.94
C VAL B 27 6.48 -5.21 14.89
N ASP B 28 6.04 -4.47 15.89
CA ASP B 28 4.64 -4.03 15.93
C ASP B 28 4.30 -3.08 14.74
N GLU B 29 5.27 -2.22 14.40
CA GLU B 29 5.08 -1.26 13.28
C GLU B 29 4.90 -2.00 11.96
N VAL B 30 5.77 -2.96 11.69
CA VAL B 30 5.71 -3.64 10.41
C VAL B 30 4.40 -4.43 10.26
N LEU B 31 3.86 -5.00 11.36
CA LEU B 31 2.56 -5.65 11.32
C LEU B 31 1.43 -4.70 11.15
N ALA B 32 1.47 -3.56 11.84
CA ALA B 32 0.43 -2.56 11.74
C ALA B 32 0.36 -2.03 10.29
N LEU B 33 1.52 -1.86 9.68
CA LEU B 33 1.58 -1.34 8.29
C LEU B 33 1.05 -2.37 7.34
N PHE B 34 1.34 -3.66 7.57
CA PHE B 34 0.71 -4.73 6.79
C PHE B 34 -0.82 -4.65 6.87
N ARG B 35 -1.34 -4.58 8.09
CA ARG B 35 -2.77 -4.55 8.28
C ARG B 35 -3.40 -3.33 7.59
N GLU B 36 -2.76 -2.18 7.74
CA GLU B 36 -3.25 -0.92 7.18
CA GLU B 36 -3.25 -0.91 7.18
C GLU B 36 -3.37 -1.04 5.65
N GLN B 37 -2.40 -1.68 5.02
CA GLN B 37 -2.32 -1.81 3.56
C GLN B 37 -3.42 -2.66 3.00
N ALA B 38 -3.97 -3.57 3.81
CA ALA B 38 -4.95 -4.55 3.36
C ALA B 38 -6.27 -3.94 2.94
N ALA B 39 -6.61 -2.76 3.49
CA ALA B 39 -7.85 -2.06 3.10
C ALA B 39 -7.91 -1.71 1.61
N LEU B 40 -6.75 -1.38 1.05
CA LEU B 40 -6.66 -1.13 -0.37
C LEU B 40 -6.34 -2.39 -1.14
N TRP B 41 -5.56 -3.30 -0.56
CA TRP B 41 -5.34 -4.58 -1.25
C TRP B 41 -6.61 -5.31 -1.63
N ALA B 42 -7.51 -5.39 -0.67
CA ALA B 42 -8.70 -6.25 -0.87
C ALA B 42 -9.47 -5.87 -2.18
N PRO B 43 -9.85 -4.59 -2.35
CA PRO B 43 -10.54 -4.24 -3.59
C PRO B 43 -9.73 -4.34 -4.87
N MSE B 44 -8.41 -4.19 -4.70
CA MSE B 44 -7.55 -4.34 -5.84
C MSE B 44 -7.36 -5.78 -6.29
O MSE B 44 -7.02 -6.05 -7.44
CB MSE B 44 -6.23 -3.64 -5.60
CG MSE B 44 -6.27 -2.13 -5.47
SE MSE B 44 -4.54 -1.33 -5.45
CE MSE B 44 -3.97 -1.59 -7.28
N LEU B 45 -7.62 -6.72 -5.39
CA LEU B 45 -7.45 -8.15 -5.71
C LEU B 45 -8.73 -8.66 -6.36
N ASP B 46 -9.00 -8.12 -7.53
CA ASP B 46 -10.31 -8.27 -8.19
C ASP B 46 -9.92 -8.20 -9.64
N PRO B 47 -10.34 -9.20 -10.45
CA PRO B 47 -9.78 -9.22 -11.79
C PRO B 47 -10.34 -8.13 -12.71
N THR B 48 -11.34 -7.38 -12.24
CA THR B 48 -11.81 -6.23 -12.98
C THR B 48 -11.04 -4.97 -12.61
N HIS B 49 -10.20 -5.04 -11.59
CA HIS B 49 -9.33 -3.89 -11.28
C HIS B 49 -8.08 -3.95 -12.14
N PRO B 50 -7.81 -2.89 -12.91
CA PRO B 50 -6.62 -2.92 -13.76
C PRO B 50 -5.31 -3.14 -13.06
N GLY B 51 -5.26 -2.80 -11.76
CA GLY B 51 -4.06 -2.97 -10.96
C GLY B 51 -3.91 -4.32 -10.24
N TRP B 52 -4.70 -5.33 -10.57
CA TRP B 52 -4.72 -6.53 -9.70
C TRP B 52 -3.38 -7.23 -9.72
N LYS B 53 -2.71 -7.26 -10.88
CA LYS B 53 -1.40 -7.92 -10.89
C LYS B 53 -0.37 -7.21 -10.04
N ASP B 54 -0.40 -5.88 -10.02
CA ASP B 54 0.43 -5.06 -9.14
C ASP B 54 0.13 -5.35 -7.70
N ALA B 55 -1.14 -5.55 -7.38
CA ALA B 55 -1.53 -5.84 -5.99
C ALA B 55 -1.02 -7.23 -5.61
N VAL B 56 -1.12 -8.22 -6.51
CA VAL B 56 -0.61 -9.52 -6.12
C VAL B 56 0.89 -9.45 -5.83
N HIS B 57 1.65 -8.81 -6.71
CA HIS B 57 3.07 -8.64 -6.52
C HIS B 57 3.42 -7.96 -5.18
N THR B 58 2.67 -6.92 -4.87
CA THR B 58 2.90 -6.15 -3.67
C THR B 58 2.59 -6.94 -2.41
N VAL B 59 1.45 -7.62 -2.44
CA VAL B 59 1.07 -8.47 -1.35
C VAL B 59 2.16 -9.54 -1.12
N LYS B 60 2.65 -10.13 -2.21
CA LYS B 60 3.66 -11.20 -2.07
C LYS B 60 4.86 -10.75 -1.28
N GLY B 61 5.42 -9.56 -1.63
CA GLY B 61 6.55 -8.99 -0.92
C GLY B 61 6.26 -8.62 0.50
N ALA B 62 5.10 -8.02 0.71
CA ALA B 62 4.69 -7.59 2.06
C ALA B 62 4.51 -8.80 2.98
N ALA B 63 3.88 -9.84 2.45
CA ALA B 63 3.68 -11.08 3.14
C ALA B 63 5.00 -11.69 3.57
N ARG B 64 5.93 -11.81 2.64
CA ARG B 64 7.22 -12.46 2.96
C ARG B 64 7.93 -11.58 3.96
N GLY B 65 7.79 -10.29 3.81
CA GLY B 65 8.39 -9.37 4.74
C GLY B 65 8.02 -9.60 6.18
N VAL B 66 6.73 -9.84 6.44
CA VAL B 66 6.28 -9.98 7.82
C VAL B 66 6.20 -11.43 8.33
N GLY B 67 6.62 -12.40 7.53
CA GLY B 67 6.51 -13.81 7.88
C GLY B 67 5.21 -14.52 7.57
N ALA B 68 4.35 -13.89 6.73
CA ALA B 68 3.11 -14.53 6.19
C ALA B 68 3.57 -15.33 4.95
N PHE B 69 4.37 -16.36 5.21
CA PHE B 69 5.01 -17.11 4.15
C PHE B 69 4.04 -17.87 3.25
N ASN B 70 3.01 -18.45 3.84
CA ASN B 70 1.99 -19.10 3.03
C ASN B 70 1.31 -18.11 2.08
N LEU B 71 0.94 -16.92 2.58
CA LEU B 71 0.37 -15.95 1.71
C LEU B 71 1.30 -15.61 0.55
N GLY B 72 2.60 -15.49 0.85
CA GLY B 72 3.61 -15.19 -0.19
C GLY B 72 3.59 -16.28 -1.27
N GLU B 73 3.44 -17.53 -0.85
CA GLU B 73 3.40 -18.64 -1.77
C GLU B 73 2.15 -18.64 -2.64
N VAL B 74 1.02 -18.33 -2.01
CA VAL B 74 -0.27 -18.29 -2.75
C VAL B 74 -0.12 -17.23 -3.81
N CYS B 75 0.43 -16.06 -3.44
CA CYS B 75 0.64 -15.00 -4.43
C CYS B 75 1.55 -15.48 -5.60
N GLU B 76 2.71 -16.08 -5.32
CA GLU B 76 3.57 -16.62 -6.34
C GLU B 76 2.84 -17.59 -7.29
N ARG B 77 2.07 -18.50 -6.69
CA ARG B 77 1.20 -19.39 -7.46
C ARG B 77 0.18 -18.67 -8.34
N CYS B 78 -0.42 -17.61 -7.81
CA CYS B 78 -1.34 -16.81 -8.56
C CYS B 78 -0.65 -16.17 -9.79
N GLU B 79 0.57 -15.68 -9.59
CA GLU B 79 1.35 -15.11 -10.67
C GLU B 79 1.65 -16.14 -11.78
N ALA B 80 1.73 -17.41 -11.39
CA ALA B 80 2.05 -18.54 -12.27
C ALA B 80 0.78 -19.13 -12.91
N GLY B 81 -0.38 -18.54 -12.66
CA GLY B 81 -1.65 -19.13 -13.09
C GLY B 81 -2.09 -20.39 -12.41
N GLN B 82 -1.74 -20.55 -11.13
CA GLN B 82 -1.99 -21.76 -10.38
C GLN B 82 -2.81 -21.54 -9.14
N GLU B 83 -3.26 -20.31 -8.93
CA GLU B 83 -4.16 -19.96 -7.87
C GLU B 83 -5.10 -18.87 -8.41
N SER B 84 -6.21 -18.69 -7.71
CA SER B 84 -7.13 -17.63 -8.04
C SER B 84 -6.95 -16.42 -7.15
N LEU B 85 -7.46 -15.29 -7.61
CA LEU B 85 -7.51 -14.11 -6.77
C LEU B 85 -8.35 -14.36 -5.53
N GLU B 86 -9.41 -15.14 -5.61
CA GLU B 86 -10.20 -15.50 -4.41
CA GLU B 86 -10.20 -15.49 -4.43
C GLU B 86 -9.30 -16.24 -3.42
N GLY B 87 -8.42 -17.13 -3.91
CA GLY B 87 -7.43 -17.80 -3.06
C GLY B 87 -6.46 -16.82 -2.40
N VAL B 88 -6.02 -15.78 -3.11
CA VAL B 88 -5.17 -14.80 -2.51
C VAL B 88 -5.91 -14.07 -1.40
N ARG B 89 -7.14 -13.66 -1.67
CA ARG B 89 -7.96 -12.94 -0.69
C ARG B 89 -8.20 -13.80 0.58
N THR B 90 -8.40 -15.07 0.37
CA THR B 90 -8.63 -16.02 1.47
C THR B 90 -7.34 -16.10 2.34
N ALA B 91 -6.16 -16.23 1.69
CA ALA B 91 -4.88 -16.27 2.40
C ALA B 91 -4.62 -14.95 3.11
N LEU B 92 -4.94 -13.87 2.49
CA LEU B 92 -4.76 -12.57 3.15
C LEU B 92 -5.62 -12.43 4.40
N ASP B 93 -6.89 -12.85 4.28
CA ASP B 93 -7.77 -12.82 5.45
C ASP B 93 -7.20 -13.69 6.58
N ALA B 94 -6.60 -14.82 6.25
CA ALA B 94 -6.04 -15.70 7.27
C ALA B 94 -4.86 -15.04 7.95
N ALA B 95 -4.02 -14.39 7.15
CA ALA B 95 -2.91 -13.64 7.75
C ALA B 95 -3.38 -12.51 8.68
N LEU B 96 -4.37 -11.74 8.24
CA LEU B 96 -4.98 -10.68 9.02
C LEU B 96 -5.51 -11.20 10.33
N LEU B 97 -6.15 -12.36 10.28
CA LEU B 97 -6.78 -12.93 11.48
C LEU B 97 -5.67 -13.30 12.46
N ASP B 98 -4.59 -13.89 11.98
CA ASP B 98 -3.44 -14.20 12.85
C ASP B 98 -2.86 -12.97 13.51
N ILE B 99 -2.71 -11.90 12.74
CA ILE B 99 -2.27 -10.61 13.28
C ILE B 99 -3.21 -10.03 14.32
N ALA B 100 -4.49 -10.17 14.09
CA ALA B 100 -5.50 -9.74 15.06
C ALA B 100 -5.32 -10.54 16.36
N ALA B 101 -5.15 -11.85 16.25
CA ALA B 101 -4.97 -12.67 17.44
C ALA B 101 -3.70 -12.23 18.18
N TYR B 102 -2.66 -11.83 17.45
CA TYR B 102 -1.42 -11.35 18.07
C TYR B 102 -1.60 -10.09 18.89
N ALA B 103 -2.69 -9.35 18.68
CA ALA B 103 -2.94 -8.14 19.47
C ALA B 103 -2.99 -8.44 20.99
N HIS B 104 -3.47 -9.62 21.32
CA HIS B 104 -3.52 -10.01 22.74
CA HIS B 104 -3.50 -10.17 22.70
C HIS B 104 -2.13 -10.02 23.35
N GLU B 105 -1.14 -10.57 22.65
CA GLU B 105 0.26 -10.50 23.10
CA GLU B 105 0.24 -10.50 23.16
C GLU B 105 0.81 -9.08 23.20
N GLN B 106 0.48 -8.29 22.21
CA GLN B 106 0.99 -6.91 22.17
C GLN B 106 0.47 -6.13 23.37
N ALA B 107 -0.79 -6.34 23.75
CA ALA B 107 -1.33 -5.62 24.91
C ALA B 107 -0.62 -6.00 26.24
N LEU B 108 -0.40 -7.31 26.37
CA LEU B 108 0.29 -7.89 27.51
C LEU B 108 1.66 -7.28 27.66
N ARG B 109 2.43 -7.28 26.58
CA ARG B 109 3.80 -6.86 26.77
C ARG B 109 3.87 -5.33 26.93
N SER B 110 2.93 -4.57 26.34
CA SER B 110 2.88 -3.14 26.64
CA SER B 110 2.83 -3.13 26.63
C SER B 110 2.65 -2.87 28.13
N LEU B 111 1.80 -3.68 28.80
CA LEU B 111 1.54 -3.48 30.25
C LEU B 111 2.77 -3.79 31.10
N LYS B 112 3.63 -4.66 30.56
CA LYS B 112 4.88 -5.03 31.26
C LYS B 112 5.88 -3.88 31.18
N GLY B 113 5.74 -3.01 30.18
CA GLY B 113 6.45 -1.74 30.15
C GLY B 113 7.94 -1.94 29.91
O1 PG4 C . -18.97 13.76 -16.05
C1 PG4 C . -17.87 14.50 -15.54
C2 PG4 C . -16.63 13.63 -15.42
O2 PG4 C . -15.94 13.72 -16.64
C3 PG4 C . -14.69 13.08 -16.75
C4 PG4 C . -14.27 12.88 -18.20
O3 PG4 C . -14.96 11.77 -18.77
C5 PG4 C . -14.53 11.46 -20.10
C1 GOL D . -17.27 7.35 -13.53
O1 GOL D . -16.10 7.18 -14.29
C2 GOL D . -16.95 7.29 -12.06
O2 GOL D . -15.78 6.54 -12.10
C3 GOL D . -18.00 6.59 -11.18
O3 GOL D . -19.34 6.79 -11.58
O1 PG4 E . -0.15 -12.86 -14.15
C1 PG4 E . -1.04 -13.87 -13.65
C2 PG4 E . -1.73 -14.57 -14.81
O2 PG4 E . -2.50 -13.63 -15.55
C3 PG4 E . -3.22 -14.21 -16.63
C4 PG4 E . -4.39 -13.32 -17.03
O3 PG4 E . -3.89 -12.05 -17.44
C5 PG4 E . -4.86 -11.30 -18.21
C6 PG4 E . -4.94 -9.84 -17.78
O4 PG4 E . -3.84 -9.11 -18.30
O1 PG4 F . -5.37 -6.95 -16.59
C1 PG4 F . -6.28 -6.32 -15.64
C2 PG4 F . -7.25 -5.37 -16.35
O2 PG4 F . -8.59 -5.39 -15.84
C3 PG4 F . -9.59 -5.10 -16.85
C4 PG4 F . -10.66 -6.22 -16.94
O3 PG4 F . -10.60 -7.01 -18.14
C1 GOL G . -14.47 -9.87 -7.04
O1 GOL G . -15.67 -9.77 -7.77
C2 GOL G . -14.73 -9.42 -5.61
O2 GOL G . -13.49 -9.18 -5.03
C3 GOL G . -15.50 -10.50 -4.84
O3 GOL G . -15.39 -10.33 -3.44
#